data_5Z6C
#
_entry.id   5Z6C
#
_cell.length_a   36.184
_cell.length_b   108.578
_cell.length_c   40.494
_cell.angle_alpha   90.00
_cell.angle_beta   101.58
_cell.angle_gamma   90.00
#
_symmetry.space_group_name_H-M   'P 1 21 1'
#
loop_
_entity.id
_entity.type
_entity.pdbx_description
1 polymer 'Putative ABC transporter substrate-binding protein YesO'
2 water water
#
_entity_poly.entity_id   1
_entity_poly.type   'polypeptide(L)'
_entity_poly.pdbx_seq_one_letter_code
;MKKICYVLLSLVCVFLFSGCSAGEEASGKKEDVTLRIAWWGGQPRHDYTTKVIELYEKKNPHVHIEAEFANWDDYWKKLA
PMSAAGQLPDVIQMDTAYLAQYGKKNQLEDLTPYTKDGTIDVSSIDENMLSGGKIDNKLYGFTLGVNVLSVIANEDLLKK
AGVSINQENWTWEDYEKLAYDLQEKAGVYGSNGMHPPDIFFPYYLRTKGERFYKEDGTGLAYQDDQLFVDYFERQLRLVK
AKTSPTPDESAQIKGMEDDFIVKGKSAITWNYSNQYLGFARLTDSPLSLYLPPEQMQEKALTLKPSMLFSIPKSSEHKKE
AAKFINFFVNNEEANQLIKGERGVPVSDKVADAIKPKLNEEETNIVEYVETASKNISKADPPEPVGSAEVIKLLKDTSDQ
ILYQKVSPEKAAKTFRKKANEILERNN
;
_entity_poly.pdbx_strand_id   A
#
# COMPACT_ATOMS: atom_id res chain seq x y z
N THR A 34 -9.19 24.06 -19.86
CA THR A 34 -8.60 23.70 -18.57
C THR A 34 -8.56 22.17 -18.42
N LEU A 35 -7.69 21.69 -17.53
CA LEU A 35 -7.59 20.29 -17.15
C LEU A 35 -7.93 20.21 -15.66
N ARG A 36 -8.80 19.28 -15.27
CA ARG A 36 -9.17 19.10 -13.88
C ARG A 36 -8.34 17.98 -13.25
N ILE A 37 -7.79 18.21 -12.05
CA ILE A 37 -6.93 17.27 -11.34
C ILE A 37 -7.36 17.18 -9.88
N ALA A 38 -7.41 15.97 -9.32
CA ALA A 38 -7.89 15.81 -7.95
C ALA A 38 -7.05 14.78 -7.19
N TRP A 39 -6.92 14.97 -5.87
CA TRP A 39 -6.21 14.01 -5.04
C TRP A 39 -6.70 14.06 -3.60
N TRP A 40 -6.34 13.04 -2.82
CA TRP A 40 -6.52 13.11 -1.37
C TRP A 40 -5.16 13.26 -0.67
N GLY A 41 -5.22 13.70 0.56
CA GLY A 41 -4.04 13.71 1.39
C GLY A 41 -4.16 14.79 2.45
N GLY A 42 -3.03 15.01 3.15
CA GLY A 42 -2.94 16.06 4.14
C GLY A 42 -2.45 17.35 3.53
N GLN A 43 -2.35 18.38 4.38
CA GLN A 43 -1.97 19.71 3.88
C GLN A 43 -0.55 19.78 3.31
N PRO A 44 0.46 19.12 3.90
CA PRO A 44 1.78 19.15 3.24
C PRO A 44 1.71 18.67 1.80
N ARG A 45 0.95 17.60 1.56
CA ARG A 45 0.78 17.10 0.20
C ARG A 45 0.08 18.12 -0.69
N HIS A 46 -0.99 18.73 -0.18
CA HIS A 46 -1.68 19.77 -0.94
C HIS A 46 -0.71 20.86 -1.33
N ASP A 47 0.16 21.25 -0.41
CA ASP A 47 1.03 22.41 -0.63
C ASP A 47 2.01 22.14 -1.75
N TYR A 48 2.74 21.01 -1.69
CA TYR A 48 3.74 20.79 -2.74
C TYR A 48 3.06 20.38 -4.06
N THR A 49 1.96 19.63 -3.98
CA THR A 49 1.24 19.30 -5.21
C THR A 49 0.78 20.56 -5.93
N THR A 50 0.33 21.56 -5.16
CA THR A 50 -0.01 22.84 -5.77
C THR A 50 1.20 23.43 -6.47
N LYS A 51 2.37 23.33 -5.84
CA LYS A 51 3.57 23.85 -6.46
C LYS A 51 3.97 23.07 -7.71
N VAL A 52 3.73 21.76 -7.73
CA VAL A 52 4.00 20.95 -8.92
C VAL A 52 3.12 21.40 -10.08
N ILE A 53 1.86 21.70 -9.79
CA ILE A 53 0.92 22.12 -10.81
C ILE A 53 1.28 23.50 -11.35
N GLU A 54 1.69 24.41 -10.45
CA GLU A 54 2.16 25.72 -10.89
C GLU A 54 3.39 25.60 -11.78
N LEU A 55 4.32 24.70 -11.44
CA LEU A 55 5.46 24.45 -12.31
C LEU A 55 5.00 23.91 -13.67
N TYR A 56 4.07 22.95 -13.67
CA TYR A 56 3.59 22.41 -14.94
C TYR A 56 3.01 23.53 -15.81
N GLU A 57 2.25 24.44 -15.21
CA GLU A 57 1.59 25.50 -15.97
C GLU A 57 2.59 26.46 -16.57
N LYS A 58 3.62 26.81 -15.82
CA LYS A 58 4.71 27.64 -16.34
C LYS A 58 5.29 27.01 -17.59
N LYS A 59 5.55 25.70 -17.56
CA LYS A 59 6.16 25.00 -18.68
C LYS A 59 5.18 24.67 -19.78
N ASN A 60 3.89 24.88 -19.52
CA ASN A 60 2.81 24.47 -20.42
C ASN A 60 1.74 25.54 -20.36
N PRO A 61 2.05 26.74 -20.87
CA PRO A 61 1.18 27.90 -20.61
C PRO A 61 -0.23 27.71 -21.13
N HIS A 62 -0.40 27.02 -22.25
CA HIS A 62 -1.73 26.81 -22.81
C HIS A 62 -2.61 25.87 -21.98
N VAL A 63 -2.08 25.24 -20.93
CA VAL A 63 -2.91 24.34 -20.12
C VAL A 63 -3.06 24.97 -18.73
N HIS A 64 -4.30 25.36 -18.40
CA HIS A 64 -4.58 25.74 -17.03
C HIS A 64 -5.03 24.49 -16.30
N ILE A 65 -4.71 24.41 -15.02
CA ILE A 65 -5.13 23.30 -14.17
C ILE A 65 -6.00 23.84 -13.04
N GLU A 66 -7.10 23.16 -12.80
CA GLU A 66 -7.97 23.42 -11.66
C GLU A 66 -7.92 22.22 -10.73
N ALA A 67 -7.50 22.43 -9.49
CA ALA A 67 -7.30 21.37 -8.54
C ALA A 67 -8.46 21.30 -7.54
N GLU A 68 -8.84 20.09 -7.18
CA GLU A 68 -9.69 19.84 -6.04
C GLU A 68 -9.02 18.78 -5.18
N PHE A 69 -9.12 18.91 -3.86
CA PHE A 69 -8.41 17.99 -2.97
C PHE A 69 -9.06 18.05 -1.60
N ALA A 70 -8.78 17.02 -0.80
CA ALA A 70 -9.49 16.77 0.45
C ALA A 70 -8.77 15.64 1.16
N ASN A 71 -9.12 15.43 2.44
CA ASN A 71 -8.63 14.23 3.11
C ASN A 71 -9.27 12.99 2.48
N TRP A 72 -8.80 11.81 2.90
CA TRP A 72 -9.27 10.55 2.33
C TRP A 72 -10.79 10.45 2.34
N ASP A 73 -11.41 10.65 3.51
CA ASP A 73 -12.86 10.45 3.64
C ASP A 73 -13.63 11.37 2.72
N ASP A 74 -13.38 12.69 2.81
CA ASP A 74 -14.13 13.65 2.02
C ASP A 74 -13.92 13.45 0.52
N TYR A 75 -12.73 12.97 0.13
CA TYR A 75 -12.37 12.80 -1.27
C TYR A 75 -13.28 11.79 -1.96
N TRP A 76 -13.42 10.58 -1.40
CA TRP A 76 -14.31 9.62 -2.03
C TRP A 76 -15.75 10.13 -2.02
N LYS A 77 -16.12 10.87 -0.98
CA LYS A 77 -17.42 11.56 -0.95
C LYS A 77 -17.59 12.44 -2.17
N LYS A 78 -16.53 13.14 -2.58
CA LYS A 78 -16.60 13.99 -3.77
C LYS A 78 -16.66 13.16 -5.06
N LEU A 79 -15.76 12.19 -5.20
CA LEU A 79 -15.60 11.49 -6.48
C LEU A 79 -16.75 10.53 -6.80
N ALA A 80 -17.32 9.88 -5.79
CA ALA A 80 -18.33 8.84 -6.04
C ALA A 80 -19.49 9.32 -6.92
N PRO A 81 -20.14 10.45 -6.64
CA PRO A 81 -21.24 10.87 -7.52
C PRO A 81 -20.77 11.22 -8.92
N MET A 82 -19.63 11.89 -9.04
CA MET A 82 -19.11 12.22 -10.35
C MET A 82 -18.85 10.98 -11.19
N SER A 83 -18.47 9.88 -10.54
CA SER A 83 -18.01 8.71 -11.29
C SER A 83 -19.06 8.24 -12.28
N ALA A 84 -20.26 8.11 -11.72
CA ALA A 84 -21.47 7.59 -12.36
C ALA A 84 -22.19 8.64 -13.17
N ALA A 85 -21.94 9.90 -12.84
CA ALA A 85 -22.50 11.01 -13.58
C ALA A 85 -21.64 11.25 -14.82
N GLY A 86 -20.51 10.55 -14.88
CA GLY A 86 -19.60 10.69 -15.99
C GLY A 86 -18.95 12.06 -16.07
N GLN A 87 -18.49 12.60 -14.95
CA GLN A 87 -17.87 13.93 -14.91
C GLN A 87 -16.71 13.97 -13.91
N LEU A 88 -15.94 12.88 -13.84
CA LEU A 88 -14.74 12.88 -13.01
C LEU A 88 -13.71 13.88 -13.54
N PRO A 89 -12.82 14.37 -12.66
CA PRO A 89 -11.65 15.13 -13.15
C PRO A 89 -10.86 14.37 -14.21
N ASP A 90 -10.12 15.10 -15.06
CA ASP A 90 -9.34 14.45 -16.11
C ASP A 90 -8.19 13.63 -15.54
N VAL A 91 -7.64 14.04 -14.39
CA VAL A 91 -6.61 13.28 -13.71
C VAL A 91 -7.12 13.01 -12.30
N ILE A 92 -7.24 11.73 -11.96
CA ILE A 92 -7.84 11.27 -10.71
C ILE A 92 -6.80 10.50 -9.91
N GLN A 93 -6.52 10.94 -8.69
CA GLN A 93 -5.72 10.11 -7.80
C GLN A 93 -6.58 8.96 -7.34
N MET A 94 -6.05 7.75 -7.48
CA MET A 94 -6.83 6.56 -7.20
C MET A 94 -6.09 5.60 -6.28
N ASP A 95 -6.85 4.82 -5.52
CA ASP A 95 -6.30 3.83 -4.62
C ASP A 95 -6.61 2.44 -5.16
N THR A 96 -5.71 1.51 -4.91
CA THR A 96 -5.86 0.15 -5.41
C THR A 96 -7.18 -0.48 -4.99
N ALA A 97 -7.64 -0.14 -3.79
CA ALA A 97 -8.85 -0.74 -3.24
C ALA A 97 -10.12 -0.20 -3.88
N TYR A 98 -10.00 0.76 -4.77
CA TYR A 98 -11.13 1.35 -5.48
C TYR A 98 -10.97 1.28 -6.99
N LEU A 99 -9.77 0.94 -7.48
CA LEU A 99 -9.51 0.93 -8.92
C LEU A 99 -10.47 -0.02 -9.65
N ALA A 100 -10.64 -1.24 -9.15
CA ALA A 100 -11.54 -2.17 -9.83
C ALA A 100 -12.95 -1.62 -9.89
N GLN A 101 -13.43 -1.01 -8.79
CA GLN A 101 -14.80 -0.48 -8.77
C GLN A 101 -14.98 0.62 -9.81
N TYR A 102 -14.08 1.61 -9.82
CA TYR A 102 -14.20 2.71 -10.79
C TYR A 102 -13.95 2.24 -12.21
N GLY A 103 -13.11 1.22 -12.40
CA GLY A 103 -12.87 0.65 -13.72
C GLY A 103 -14.01 -0.20 -14.26
N LYS A 104 -15.16 -0.17 -13.59
CA LYS A 104 -16.35 -0.89 -14.04
C LYS A 104 -16.86 -0.32 -15.35
N LYS A 105 -17.39 -1.22 -16.20
CA LYS A 105 -18.07 -0.83 -17.44
C LYS A 105 -17.28 0.24 -18.19
N ASN A 106 -15.96 0.04 -18.28
CA ASN A 106 -15.08 0.89 -19.09
C ASN A 106 -15.16 2.36 -18.68
N GLN A 107 -15.28 2.59 -17.37
CA GLN A 107 -15.33 3.94 -16.85
C GLN A 107 -13.94 4.62 -16.76
N LEU A 108 -12.89 3.83 -16.62
CA LEU A 108 -11.55 4.38 -16.67
C LEU A 108 -10.91 4.09 -18.02
N GLU A 109 -10.06 5.02 -18.43
CA GLU A 109 -9.32 4.85 -19.67
C GLU A 109 -8.13 3.94 -19.41
N ASP A 110 -7.93 2.97 -20.30
CA ASP A 110 -6.75 2.12 -20.26
C ASP A 110 -5.53 2.98 -20.57
N LEU A 111 -4.57 3.03 -19.65
CA LEU A 111 -3.38 3.86 -19.85
C LEU A 111 -2.28 3.17 -20.63
N THR A 112 -2.37 1.86 -20.86
CA THR A 112 -1.32 1.12 -21.56
C THR A 112 -0.93 1.74 -22.89
N PRO A 113 -1.85 2.17 -23.76
CA PRO A 113 -1.41 2.76 -25.03
C PRO A 113 -0.60 4.05 -24.88
N TYR A 114 -0.84 4.84 -23.82
CA TYR A 114 -0.05 6.06 -23.66
C TYR A 114 1.37 5.75 -23.22
N THR A 115 1.61 4.58 -22.63
CA THR A 115 2.98 4.14 -22.38
C THR A 115 3.66 3.64 -23.64
N LYS A 116 2.88 3.32 -24.67
CA LYS A 116 3.46 2.78 -25.90
C LYS A 116 3.75 3.84 -26.94
N ASP A 117 2.96 4.91 -27.02
CA ASP A 117 3.19 5.95 -28.00
C ASP A 117 4.11 7.05 -27.50
N GLY A 118 4.70 6.86 -26.32
CA GLY A 118 5.65 7.79 -25.77
C GLY A 118 5.07 8.88 -24.92
N THR A 119 3.75 9.02 -24.83
CA THR A 119 3.19 10.08 -24.01
C THR A 119 3.64 9.93 -22.57
N ILE A 120 3.59 8.71 -22.05
CA ILE A 120 4.11 8.39 -20.72
C ILE A 120 5.38 7.58 -20.92
N ASP A 121 6.51 8.19 -20.58
CA ASP A 121 7.80 7.53 -20.72
C ASP A 121 7.95 6.48 -19.63
N VAL A 122 8.12 5.22 -20.01
CA VAL A 122 8.45 4.16 -19.05
C VAL A 122 9.86 3.61 -19.28
N SER A 123 10.73 4.36 -19.98
CA SER A 123 12.07 3.83 -20.23
C SER A 123 12.88 3.64 -18.95
N SER A 124 12.56 4.38 -17.88
CA SER A 124 13.20 4.20 -16.58
C SER A 124 12.24 3.67 -15.51
N ILE A 125 11.09 3.12 -15.91
CA ILE A 125 10.10 2.59 -14.98
C ILE A 125 9.93 1.10 -15.27
N ASP A 126 10.36 0.25 -14.34
CA ASP A 126 10.22 -1.19 -14.49
C ASP A 126 8.75 -1.61 -14.43
N GLU A 127 8.43 -2.65 -15.18
CA GLU A 127 7.10 -3.23 -15.15
C GLU A 127 6.67 -3.56 -13.73
N ASN A 128 7.59 -4.02 -12.90
CA ASN A 128 7.21 -4.46 -11.56
C ASN A 128 6.71 -3.31 -10.67
N MET A 129 6.89 -2.06 -11.09
CA MET A 129 6.30 -0.92 -10.38
C MET A 129 4.86 -0.64 -10.81
N LEU A 130 4.39 -1.24 -11.90
CA LEU A 130 3.13 -0.84 -12.51
C LEU A 130 2.01 -1.87 -12.39
N SER A 131 2.32 -3.12 -12.02
CA SER A 131 1.30 -4.16 -12.15
C SER A 131 0.22 -4.07 -11.09
N GLY A 132 0.45 -3.35 -10.00
CA GLY A 132 -0.62 -3.15 -9.04
C GLY A 132 -1.75 -2.28 -9.54
N GLY A 133 -1.65 -1.78 -10.76
CA GLY A 133 -2.66 -0.92 -11.34
C GLY A 133 -3.34 -1.52 -12.55
N LYS A 134 -3.06 -2.80 -12.81
CA LYS A 134 -3.57 -3.52 -13.98
C LYS A 134 -4.72 -4.44 -13.60
N ILE A 135 -5.77 -4.40 -14.40
CA ILE A 135 -6.85 -5.38 -14.34
C ILE A 135 -7.08 -5.91 -15.74
N ASP A 136 -6.92 -7.23 -15.92
CA ASP A 136 -7.16 -7.88 -17.20
C ASP A 136 -6.18 -7.37 -18.25
N ASN A 137 -4.95 -7.13 -17.81
CA ASN A 137 -3.82 -6.64 -18.59
C ASN A 137 -3.96 -5.19 -19.08
N LYS A 138 -4.95 -4.44 -18.58
CA LYS A 138 -5.00 -3.02 -18.88
C LYS A 138 -4.66 -2.19 -17.65
N LEU A 139 -3.86 -1.16 -17.88
CA LEU A 139 -3.35 -0.29 -16.83
C LEU A 139 -4.42 0.75 -16.57
N TYR A 140 -5.27 0.50 -15.57
CA TYR A 140 -6.30 1.46 -15.22
C TYR A 140 -5.79 2.56 -14.32
N GLY A 141 -4.64 2.34 -13.68
CA GLY A 141 -4.05 3.41 -12.91
C GLY A 141 -2.55 3.37 -13.08
N PHE A 142 -1.91 4.53 -13.13
CA PHE A 142 -0.46 4.60 -13.22
C PHE A 142 0.09 4.83 -11.83
N THR A 143 0.93 3.90 -11.37
CA THR A 143 1.45 3.98 -10.00
C THR A 143 2.37 5.18 -9.85
N LEU A 144 2.15 5.96 -8.79
CA LEU A 144 2.96 7.14 -8.51
C LEU A 144 4.08 6.88 -7.52
N GLY A 145 3.98 5.81 -6.74
CA GLY A 145 4.96 5.49 -5.71
C GLY A 145 4.63 4.14 -5.14
N VAL A 146 5.63 3.48 -4.59
CA VAL A 146 5.38 2.15 -4.04
C VAL A 146 5.74 2.12 -2.57
N ASN A 147 5.02 1.27 -1.83
CA ASN A 147 5.26 1.03 -0.41
C ASN A 147 5.56 -0.44 -0.21
N VAL A 148 6.28 -0.74 0.86
CA VAL A 148 6.62 -2.12 1.21
C VAL A 148 6.31 -2.31 2.68
N LEU A 149 5.52 -3.36 2.99
CA LEU A 149 5.23 -3.69 4.38
C LEU A 149 6.53 -3.84 5.16
N SER A 150 6.48 -3.47 6.43
CA SER A 150 7.69 -3.46 7.23
C SER A 150 7.30 -3.65 8.68
N VAL A 151 8.23 -4.22 9.43
CA VAL A 151 8.19 -4.21 10.89
C VAL A 151 9.04 -3.01 11.34
N ILE A 152 8.38 -1.99 11.88
CA ILE A 152 9.02 -0.74 12.29
C ILE A 152 9.26 -0.82 13.79
N ALA A 153 10.51 -0.69 14.22
CA ALA A 153 10.88 -0.97 15.60
C ALA A 153 11.50 0.24 16.27
N ASN A 154 11.19 0.41 17.55
CA ASN A 154 11.79 1.42 18.42
C ASN A 154 13.09 0.83 18.93
N GLU A 155 14.22 1.36 18.47
CA GLU A 155 15.53 0.81 18.80
C GLU A 155 15.80 0.90 20.30
N ASP A 156 15.32 1.96 20.95
CA ASP A 156 15.55 2.12 22.39
C ASP A 156 14.84 1.03 23.18
N LEU A 157 13.68 0.59 22.70
CA LEU A 157 12.92 -0.44 23.41
C LEU A 157 13.42 -1.85 23.10
N LEU A 158 13.93 -2.09 21.89
CA LEU A 158 14.68 -3.32 21.66
C LEU A 158 15.87 -3.41 22.59
N LYS A 159 16.65 -2.33 22.70
CA LYS A 159 17.83 -2.35 23.55
C LYS A 159 17.44 -2.61 25.01
N LYS A 160 16.40 -1.92 25.48
CA LYS A 160 15.99 -2.03 26.87
C LYS A 160 15.69 -3.48 27.25
N ALA A 161 15.13 -4.26 26.33
CA ALA A 161 14.83 -5.67 26.57
C ALA A 161 15.96 -6.60 26.17
N GLY A 162 17.05 -6.08 25.65
CA GLY A 162 18.18 -6.93 25.33
C GLY A 162 17.98 -7.82 24.14
N VAL A 163 17.17 -7.39 23.17
CA VAL A 163 16.78 -8.22 22.04
C VAL A 163 17.08 -7.47 20.74
N SER A 164 17.03 -8.20 19.62
CA SER A 164 17.31 -7.60 18.31
C SER A 164 16.66 -8.44 17.23
N ILE A 165 16.66 -7.90 16.01
CA ILE A 165 16.01 -8.53 14.87
C ILE A 165 17.06 -8.83 13.82
N ASN A 166 17.19 -10.11 13.47
CA ASN A 166 17.98 -10.49 12.31
C ASN A 166 17.02 -10.59 11.13
N GLN A 167 16.82 -9.44 10.46
CA GLN A 167 15.72 -9.33 9.49
C GLN A 167 15.90 -10.23 8.28
N GLU A 168 17.12 -10.66 7.97
CA GLU A 168 17.28 -11.42 6.74
C GLU A 168 16.63 -12.80 6.82
N ASN A 169 16.54 -13.41 8.01
CA ASN A 169 15.88 -14.71 8.09
C ASN A 169 15.30 -14.98 9.49
N TRP A 170 14.65 -13.99 10.09
CA TRP A 170 13.91 -14.40 11.27
C TRP A 170 12.55 -14.95 10.86
N THR A 171 11.99 -15.78 11.72
CA THR A 171 10.78 -16.54 11.43
C THR A 171 9.60 -15.98 12.22
N TRP A 172 8.41 -16.49 11.91
CA TRP A 172 7.24 -16.14 12.71
C TRP A 172 7.41 -16.55 14.16
N GLU A 173 8.01 -17.72 14.40
CA GLU A 173 8.31 -18.12 15.77
C GLU A 173 9.24 -17.12 16.43
N ASP A 174 10.19 -16.59 15.66
CA ASP A 174 11.12 -15.59 16.21
C ASP A 174 10.38 -14.31 16.58
N TYR A 175 9.35 -13.94 15.81
CA TYR A 175 8.62 -12.72 16.13
C TYR A 175 7.82 -12.90 17.41
N GLU A 176 7.16 -14.04 17.56
CA GLU A 176 6.38 -14.29 18.77
C GLU A 176 7.27 -14.28 20.01
N LYS A 177 8.45 -14.87 19.92
CA LYS A 177 9.37 -14.79 21.06
C LYS A 177 9.68 -13.34 21.39
N LEU A 178 10.01 -12.55 20.36
CA LEU A 178 10.36 -11.13 20.56
C LEU A 178 9.26 -10.37 21.26
N ALA A 179 8.01 -10.58 20.84
CA ALA A 179 6.90 -9.86 21.47
C ALA A 179 6.83 -10.21 22.94
N TYR A 180 6.95 -11.50 23.27
CA TYR A 180 6.93 -11.92 24.67
C TYR A 180 8.09 -11.29 25.44
N ASP A 181 9.32 -11.45 24.92
CA ASP A 181 10.50 -10.89 25.58
C ASP A 181 10.39 -9.38 25.81
N LEU A 182 9.83 -8.65 24.84
CA LEU A 182 9.72 -7.20 24.97
C LEU A 182 8.81 -6.80 26.12
N GLN A 183 7.74 -7.57 26.34
CA GLN A 183 6.85 -7.24 27.44
C GLN A 183 7.54 -7.46 28.77
N GLU A 184 8.00 -8.70 29.02
CA GLU A 184 8.51 -9.06 30.35
C GLU A 184 9.82 -8.36 30.70
N LYS A 185 10.53 -7.80 29.72
CA LYS A 185 11.79 -7.12 29.98
C LYS A 185 11.72 -5.60 29.77
N ALA A 186 10.64 -5.07 29.22
CA ALA A 186 10.51 -3.63 29.07
C ALA A 186 9.13 -3.09 29.43
N GLY A 187 8.16 -3.94 29.76
CA GLY A 187 6.85 -3.47 30.18
C GLY A 187 6.02 -2.85 29.06
N VAL A 188 6.62 -2.72 27.88
CA VAL A 188 5.95 -2.13 26.73
C VAL A 188 5.29 -3.24 25.94
N TYR A 189 4.20 -2.90 25.26
CA TYR A 189 3.57 -3.78 24.31
C TYR A 189 4.63 -4.39 23.39
N GLY A 190 4.43 -5.65 22.98
CA GLY A 190 5.26 -6.17 21.91
C GLY A 190 5.02 -5.41 20.63
N SER A 191 3.75 -5.26 20.28
CA SER A 191 3.38 -4.53 19.08
C SER A 191 1.93 -4.07 19.10
N ASN A 192 1.61 -3.17 18.17
CA ASN A 192 0.24 -2.72 18.03
C ASN A 192 -0.60 -3.94 17.72
N GLY A 193 0.02 -4.85 17.00
CA GLY A 193 -0.66 -6.02 16.47
C GLY A 193 -0.74 -5.80 14.98
N MET A 194 -0.84 -6.88 14.24
CA MET A 194 -0.97 -6.80 12.82
C MET A 194 -2.41 -6.45 12.47
N HIS A 195 -2.76 -5.17 12.53
CA HIS A 195 -4.08 -4.74 12.02
C HIS A 195 -3.98 -3.91 10.74
N PRO A 196 -4.93 -4.08 9.83
CA PRO A 196 -6.04 -5.04 10.03
C PRO A 196 -5.66 -6.41 9.49
N PRO A 197 -6.59 -7.36 9.51
CA PRO A 197 -6.25 -8.70 8.99
C PRO A 197 -6.34 -8.79 7.46
N ASP A 198 -7.06 -7.89 6.78
CA ASP A 198 -7.07 -7.99 5.33
C ASP A 198 -5.75 -7.56 4.70
N ILE A 199 -4.84 -6.99 5.49
CA ILE A 199 -3.50 -6.68 5.01
C ILE A 199 -2.48 -7.73 5.49
N PHE A 200 -2.56 -8.15 6.74
CA PHE A 200 -1.48 -8.99 7.23
C PHE A 200 -1.77 -10.48 7.14
N PHE A 201 -3.04 -10.90 7.06
CA PHE A 201 -3.29 -12.30 6.69
C PHE A 201 -2.82 -12.58 5.27
N PRO A 202 -3.15 -11.77 4.25
CA PRO A 202 -2.50 -11.95 2.94
C PRO A 202 -0.98 -11.96 3.02
N TYR A 203 -0.37 -11.13 3.87
CA TYR A 203 1.09 -11.18 4.00
C TYR A 203 1.53 -12.54 4.52
N TYR A 204 0.89 -13.01 5.60
CA TYR A 204 1.19 -14.35 6.10
C TYR A 204 1.09 -15.37 4.98
N LEU A 205 0.00 -15.36 4.23
CA LEU A 205 -0.15 -16.32 3.16
C LEU A 205 1.04 -16.26 2.19
N ARG A 206 1.48 -15.05 1.83
CA ARG A 206 2.66 -14.95 0.97
C ARG A 206 3.89 -15.58 1.60
N THR A 207 4.08 -15.44 2.93
CA THR A 207 5.24 -16.08 3.54
C THR A 207 5.22 -17.59 3.41
N LYS A 208 4.04 -18.18 3.17
CA LYS A 208 3.90 -19.61 2.96
C LYS A 208 3.70 -19.97 1.49
N GLY A 209 4.02 -19.06 0.58
CA GLY A 209 3.90 -19.35 -0.82
C GLY A 209 2.49 -19.36 -1.37
N GLU A 210 1.52 -18.77 -0.67
CA GLU A 210 0.13 -18.74 -1.13
C GLU A 210 -0.31 -17.30 -1.35
N ARG A 211 -1.60 -17.14 -1.69
CA ARG A 211 -2.17 -15.83 -1.98
C ARG A 211 -3.60 -15.76 -1.44
N PHE A 212 -4.01 -14.54 -1.09
CA PHE A 212 -5.37 -14.28 -0.65
C PHE A 212 -6.33 -14.24 -1.84
N TYR A 213 -6.20 -13.24 -2.71
CA TYR A 213 -7.07 -13.17 -3.89
C TYR A 213 -6.46 -13.90 -5.09
N LYS A 214 -7.32 -14.65 -5.78
CA LYS A 214 -6.99 -15.05 -7.14
C LYS A 214 -6.74 -13.80 -7.97
N GLU A 215 -5.76 -13.87 -8.86
CA GLU A 215 -5.45 -12.70 -9.70
C GLU A 215 -6.67 -12.24 -10.49
N ASP A 216 -7.53 -13.16 -10.90
CA ASP A 216 -8.71 -12.72 -11.63
C ASP A 216 -9.82 -12.22 -10.73
N GLY A 217 -9.61 -12.25 -9.41
CA GLY A 217 -10.57 -11.69 -8.49
C GLY A 217 -11.88 -12.42 -8.33
N THR A 218 -11.95 -13.68 -8.76
CA THR A 218 -13.19 -14.46 -8.70
C THR A 218 -13.28 -15.34 -7.45
N GLY A 219 -12.26 -15.32 -6.60
CA GLY A 219 -12.27 -16.13 -5.39
C GLY A 219 -10.95 -15.98 -4.68
N LEU A 220 -10.84 -16.64 -3.54
CA LEU A 220 -9.57 -16.69 -2.82
C LEU A 220 -8.69 -17.77 -3.41
N ALA A 221 -7.38 -17.51 -3.42
CA ALA A 221 -6.47 -18.46 -4.05
C ALA A 221 -6.14 -19.62 -3.12
N TYR A 222 -5.76 -19.32 -1.88
CA TYR A 222 -5.34 -20.39 -0.99
C TYR A 222 -6.53 -21.32 -0.72
N GLN A 223 -6.23 -22.60 -0.59
CA GLN A 223 -7.25 -23.62 -0.36
C GLN A 223 -7.08 -24.35 0.95
N ASP A 224 -5.95 -24.21 1.63
CA ASP A 224 -5.66 -24.97 2.84
C ASP A 224 -6.04 -24.13 4.06
N ASP A 225 -7.14 -24.52 4.70
CA ASP A 225 -7.67 -23.78 5.85
C ASP A 225 -6.73 -23.75 7.03
N GLN A 226 -5.71 -24.61 7.07
CA GLN A 226 -4.76 -24.56 8.18
C GLN A 226 -3.88 -23.32 8.10
N LEU A 227 -3.78 -22.69 6.93
CA LEU A 227 -3.10 -21.40 6.87
C LEU A 227 -3.88 -20.36 7.67
N PHE A 228 -5.19 -20.30 7.44
CA PHE A 228 -6.06 -19.44 8.24
C PHE A 228 -5.94 -19.77 9.72
N VAL A 229 -6.04 -21.06 10.06
CA VAL A 229 -5.98 -21.45 11.46
C VAL A 229 -4.67 -21.01 12.09
N ASP A 230 -3.54 -21.30 11.44
CA ASP A 230 -2.24 -20.96 12.01
C ASP A 230 -2.09 -19.45 12.18
N TYR A 231 -2.64 -18.66 11.24
CA TYR A 231 -2.56 -17.21 11.38
C TYR A 231 -3.34 -16.71 12.59
N PHE A 232 -4.61 -17.10 12.70
CA PHE A 232 -5.40 -16.53 13.78
C PHE A 232 -5.17 -17.21 15.11
N GLU A 233 -4.51 -18.37 15.15
CA GLU A 233 -4.08 -18.90 16.43
C GLU A 233 -2.89 -18.11 16.97
N ARG A 234 -1.94 -17.73 16.10
CA ARG A 234 -0.87 -16.84 16.55
C ARG A 234 -1.45 -15.49 17.01
N GLN A 235 -2.44 -14.97 16.28
CA GLN A 235 -3.09 -13.75 16.76
C GLN A 235 -3.71 -13.96 18.13
N LEU A 236 -4.35 -15.12 18.34
CA LEU A 236 -4.89 -15.44 19.66
C LEU A 236 -3.79 -15.40 20.72
N ARG A 237 -2.66 -16.08 20.47
CA ARG A 237 -1.60 -16.13 21.47
C ARG A 237 -1.11 -14.74 21.83
N LEU A 238 -0.89 -13.91 20.82
CA LEU A 238 -0.35 -12.57 21.06
C LEU A 238 -1.38 -11.67 21.74
N VAL A 239 -2.63 -11.75 21.31
CA VAL A 239 -3.63 -10.84 21.86
C VAL A 239 -3.93 -11.19 23.33
N LYS A 240 -3.97 -12.47 23.66
CA LYS A 240 -4.24 -12.86 25.05
C LYS A 240 -3.00 -12.75 25.95
N ALA A 241 -1.91 -12.19 25.45
CA ALA A 241 -0.67 -12.14 26.22
C ALA A 241 -0.43 -10.72 26.69
N LYS A 242 0.39 -10.60 27.74
CA LYS A 242 0.73 -9.27 28.24
C LYS A 242 1.38 -8.41 27.17
N THR A 243 2.01 -9.05 26.18
CA THR A 243 2.74 -8.32 25.15
C THR A 243 1.81 -7.51 24.27
N SER A 244 0.51 -7.73 24.37
CA SER A 244 -0.42 -6.95 23.55
C SER A 244 -1.26 -6.03 24.42
N ASP A 259 -1.46 4.80 17.42
CA ASP A 259 -0.86 3.60 18.00
C ASP A 259 0.17 4.02 19.05
N PHE A 260 0.71 3.07 19.83
CA PHE A 260 1.62 3.45 20.90
C PHE A 260 3.06 3.61 20.45
N ILE A 261 3.42 3.24 19.20
CA ILE A 261 4.84 3.24 18.81
C ILE A 261 5.54 4.51 19.32
N VAL A 262 4.80 5.62 19.38
CA VAL A 262 5.22 6.77 20.16
C VAL A 262 4.33 6.95 21.40
N SER A 266 4.89 -0.83 23.09
CA SER A 266 5.08 -1.11 21.67
C SER A 266 6.41 -0.59 21.18
N ALA A 267 7.34 -1.53 21.17
CA ALA A 267 8.57 -1.41 20.41
C ALA A 267 8.37 -1.60 18.92
N ILE A 268 7.21 -2.11 18.48
CA ILE A 268 7.03 -2.67 17.14
C ILE A 268 5.70 -2.19 16.56
N THR A 269 5.72 -1.69 15.33
CA THR A 269 4.48 -1.40 14.61
C THR A 269 4.56 -1.96 13.20
N TRP A 270 3.47 -2.57 12.76
CA TRP A 270 3.36 -3.15 11.42
C TRP A 270 2.69 -2.14 10.51
N ASN A 271 3.37 -1.77 9.42
CA ASN A 271 2.76 -0.82 8.49
C ASN A 271 3.50 -0.86 7.16
N TYR A 272 2.95 -0.12 6.20
CA TYR A 272 3.65 0.15 4.97
C TYR A 272 4.79 1.14 5.22
N SER A 273 5.85 1.03 4.41
CA SER A 273 7.07 1.80 4.61
C SER A 273 6.80 3.29 4.65
N ASN A 274 5.86 3.78 3.83
CA ASN A 274 5.63 5.22 3.76
C ASN A 274 5.26 5.79 5.11
N GLN A 275 4.50 5.03 5.91
CA GLN A 275 4.02 5.47 7.21
C GLN A 275 5.14 5.65 8.23
N TYR A 276 6.33 5.17 7.94
CA TYR A 276 7.45 5.34 8.86
C TYR A 276 7.81 6.80 9.04
N LEU A 277 7.55 7.63 8.02
CA LEU A 277 7.91 9.04 8.09
C LEU A 277 7.20 9.73 9.25
N GLY A 278 5.89 9.54 9.36
CA GLY A 278 5.16 10.07 10.51
C GLY A 278 5.73 9.58 11.82
N PHE A 279 5.86 8.26 11.97
CA PHE A 279 6.30 7.70 13.25
C PHE A 279 7.72 8.12 13.59
N ALA A 280 8.60 8.23 12.58
CA ALA A 280 9.98 8.58 12.88
C ALA A 280 10.10 10.05 13.25
N ARG A 281 9.23 10.90 12.70
CA ARG A 281 9.22 12.30 13.08
C ARG A 281 8.59 12.51 14.45
N LEU A 282 7.66 11.64 14.84
CA LEU A 282 6.97 11.80 16.11
C LEU A 282 7.79 11.29 17.29
N THR A 283 8.54 10.22 17.08
CA THR A 283 9.17 9.47 18.17
C THR A 283 10.59 9.98 18.40
N ASP A 284 10.83 10.48 19.62
CA ASP A 284 12.18 10.88 20.03
C ASP A 284 13.16 9.73 20.02
N SER A 285 12.67 8.51 20.19
CA SER A 285 13.52 7.34 20.06
C SER A 285 13.85 7.12 18.59
N PRO A 286 15.00 6.53 18.29
CA PRO A 286 15.28 6.12 16.91
C PRO A 286 14.41 4.93 16.53
N LEU A 287 13.83 5.01 15.33
CA LEU A 287 13.06 3.91 14.75
C LEU A 287 13.78 3.38 13.52
N SER A 288 13.56 2.10 13.23
CA SER A 288 14.15 1.50 12.04
C SER A 288 13.11 0.61 11.35
N LEU A 289 13.18 0.57 10.02
CA LEU A 289 12.38 -0.36 9.24
C LEU A 289 13.14 -1.67 9.15
N TYR A 290 12.47 -2.75 9.52
CA TYR A 290 12.98 -4.09 9.37
C TYR A 290 12.10 -4.85 8.39
N LEU A 291 12.71 -5.80 7.69
CA LEU A 291 11.92 -6.73 6.91
C LEU A 291 11.07 -7.59 7.86
N PRO A 292 9.81 -7.85 7.52
CA PRO A 292 8.93 -8.63 8.41
C PRO A 292 9.35 -10.09 8.44
N PRO A 293 8.84 -10.88 9.41
CA PRO A 293 9.28 -12.28 9.55
C PRO A 293 8.92 -13.15 8.36
N GLU A 294 9.85 -14.05 8.02
CA GLU A 294 9.67 -15.11 7.03
C GLU A 294 9.31 -14.60 5.63
N GLN A 295 9.88 -13.46 5.22
CA GLN A 295 9.65 -13.05 3.84
C GLN A 295 10.63 -13.66 2.87
N MET A 296 11.78 -14.15 3.35
CA MET A 296 12.88 -14.47 2.45
C MET A 296 12.52 -15.62 1.50
N GLN A 297 11.98 -16.72 2.05
CA GLN A 297 11.88 -17.96 1.28
C GLN A 297 10.99 -17.79 0.06
N GLU A 298 9.76 -17.34 0.26
CA GLU A 298 8.81 -17.17 -0.83
C GLU A 298 8.78 -15.75 -1.37
N LYS A 299 9.68 -14.88 -0.91
CA LYS A 299 9.69 -13.48 -1.34
C LYS A 299 8.29 -12.87 -1.11
N ALA A 300 7.93 -12.79 0.17
CA ALA A 300 6.54 -12.51 0.51
C ALA A 300 6.19 -11.03 0.28
N LEU A 301 7.17 -10.14 0.27
CA LEU A 301 6.89 -8.71 0.11
C LEU A 301 6.55 -8.37 -1.33
N THR A 302 5.80 -7.29 -1.51
CA THR A 302 5.49 -6.79 -2.85
C THR A 302 5.73 -5.29 -2.92
N LEU A 303 5.77 -4.78 -4.14
CA LEU A 303 5.85 -3.35 -4.41
C LEU A 303 4.42 -2.84 -4.56
N LYS A 304 3.84 -2.45 -3.43
CA LYS A 304 2.44 -2.01 -3.37
C LYS A 304 2.32 -0.57 -3.86
N PRO A 305 1.43 -0.28 -4.80
CA PRO A 305 1.19 1.12 -5.19
C PRO A 305 0.65 1.92 -4.01
N SER A 306 1.41 2.94 -3.60
CA SER A 306 0.88 3.83 -2.57
C SER A 306 -0.40 4.51 -3.07
N MET A 307 -0.46 4.75 -4.38
CA MET A 307 -1.56 5.44 -5.03
C MET A 307 -1.21 5.53 -6.51
N LEU A 308 -2.21 5.90 -7.31
CA LEU A 308 -2.14 5.86 -8.76
C LEU A 308 -2.81 7.11 -9.31
N PHE A 309 -2.47 7.46 -10.56
CA PHE A 309 -3.28 8.39 -11.34
C PHE A 309 -4.03 7.59 -12.40
N SER A 310 -5.31 7.93 -12.57
CA SER A 310 -6.17 7.41 -13.62
C SER A 310 -6.78 8.54 -14.43
N ILE A 311 -7.30 8.19 -15.61
CA ILE A 311 -7.99 9.12 -16.49
C ILE A 311 -9.36 8.53 -16.77
N PRO A 312 -10.45 9.24 -16.52
CA PRO A 312 -11.77 8.66 -16.80
C PRO A 312 -12.07 8.68 -18.29
N LYS A 313 -12.78 7.65 -18.75
CA LYS A 313 -13.10 7.56 -20.17
C LYS A 313 -13.96 8.73 -20.63
N SER A 314 -14.59 9.44 -19.70
CA SER A 314 -15.41 10.59 -20.04
C SER A 314 -14.58 11.84 -20.33
N SER A 315 -13.28 11.83 -20.05
CA SER A 315 -12.47 13.03 -20.24
C SER A 315 -12.32 13.34 -21.73
N GLU A 316 -12.33 14.63 -22.04
CA GLU A 316 -12.06 15.10 -23.39
C GLU A 316 -10.64 15.66 -23.51
N HIS A 317 -9.77 15.34 -22.56
CA HIS A 317 -8.40 15.85 -22.52
C HIS A 317 -7.42 14.74 -22.21
N LYS A 318 -7.58 13.57 -22.84
CA LYS A 318 -6.84 12.39 -22.41
C LYS A 318 -5.35 12.55 -22.64
N LYS A 319 -4.96 13.04 -23.82
CA LYS A 319 -3.54 13.25 -24.08
C LYS A 319 -2.94 14.24 -23.09
N GLU A 320 -3.65 15.35 -22.82
CA GLU A 320 -3.12 16.34 -21.89
C GLU A 320 -3.07 15.77 -20.47
N ALA A 321 -4.08 14.97 -20.13
CA ALA A 321 -4.06 14.31 -18.83
C ALA A 321 -2.84 13.40 -18.72
N ALA A 322 -2.61 12.58 -19.75
CA ALA A 322 -1.49 11.64 -19.74
C ALA A 322 -0.16 12.36 -19.75
N LYS A 323 -0.08 13.51 -20.44
CA LYS A 323 1.14 14.31 -20.40
C LYS A 323 1.42 14.81 -18.99
N PHE A 324 0.37 15.18 -18.26
CA PHE A 324 0.60 15.57 -16.86
C PHE A 324 1.08 14.38 -16.03
N ILE A 325 0.47 13.21 -16.18
CA ILE A 325 0.95 12.04 -15.46
C ILE A 325 2.42 11.75 -15.81
N ASN A 326 2.79 11.86 -17.09
CA ASN A 326 4.18 11.61 -17.46
C ASN A 326 5.12 12.57 -16.73
N PHE A 327 4.75 13.85 -16.72
CA PHE A 327 5.50 14.87 -15.99
C PHE A 327 5.61 14.53 -14.51
N PHE A 328 4.50 14.10 -13.91
CA PHE A 328 4.50 13.84 -12.47
C PHE A 328 5.49 12.75 -12.11
N VAL A 329 5.59 11.70 -12.93
CA VAL A 329 6.41 10.54 -12.57
C VAL A 329 7.81 10.60 -13.15
N ASN A 330 8.08 11.46 -14.14
CA ASN A 330 9.40 11.50 -14.75
C ASN A 330 10.17 12.81 -14.61
N ASN A 331 9.52 13.92 -14.26
CA ASN A 331 10.21 15.21 -14.21
C ASN A 331 11.02 15.33 -12.92
N GLU A 332 12.33 15.52 -13.06
CA GLU A 332 13.20 15.66 -11.90
C GLU A 332 12.87 16.89 -11.06
N GLU A 333 12.61 18.01 -11.71
CA GLU A 333 12.30 19.21 -10.96
C GLU A 333 11.01 19.06 -10.16
N ALA A 334 9.97 18.52 -10.77
CA ALA A 334 8.74 18.27 -10.02
C ALA A 334 9.00 17.34 -8.85
N ASN A 335 9.85 16.34 -9.04
CA ASN A 335 10.05 15.40 -7.95
C ASN A 335 11.04 15.91 -6.91
N GLN A 336 11.69 17.06 -7.13
CA GLN A 336 12.35 17.73 -6.00
C GLN A 336 11.35 18.33 -5.04
N LEU A 337 10.13 18.59 -5.51
CA LEU A 337 9.02 19.06 -4.69
C LEU A 337 8.28 17.90 -4.03
N ILE A 338 8.12 16.78 -4.74
CA ILE A 338 7.39 15.62 -4.20
C ILE A 338 8.26 14.86 -3.21
N LYS A 339 9.55 14.73 -3.53
CA LYS A 339 10.56 14.08 -2.69
C LYS A 339 9.99 12.87 -1.95
N GLY A 340 9.37 11.97 -2.70
CA GLY A 340 9.01 10.68 -2.16
C GLY A 340 7.80 10.65 -1.26
N GLU A 341 7.08 11.76 -1.08
CA GLU A 341 6.01 11.73 -0.09
C GLU A 341 4.88 10.80 -0.51
N ARG A 342 4.68 10.62 -1.81
CA ARG A 342 3.68 9.67 -2.29
C ARG A 342 4.24 8.26 -2.46
N GLY A 343 5.28 7.90 -1.70
CA GLY A 343 5.94 6.60 -1.84
C GLY A 343 7.20 6.69 -2.68
N VAL A 344 7.92 5.57 -2.73
CA VAL A 344 9.20 5.57 -3.45
C VAL A 344 8.94 5.77 -4.94
N PRO A 345 9.62 6.71 -5.60
CA PRO A 345 9.30 7.01 -7.00
C PRO A 345 9.48 5.79 -7.88
N VAL A 346 8.66 5.71 -8.94
CA VAL A 346 8.67 4.50 -9.77
C VAL A 346 9.84 4.52 -10.77
N SER A 347 10.35 5.69 -11.13
CA SER A 347 11.45 5.80 -12.08
C SER A 347 12.77 5.74 -11.32
N ASP A 348 13.67 4.85 -11.77
CA ASP A 348 14.98 4.81 -11.12
C ASP A 348 15.76 6.09 -11.40
N LYS A 349 15.40 6.80 -12.46
CA LYS A 349 16.03 8.07 -12.76
C LYS A 349 15.58 9.15 -11.79
N VAL A 350 14.28 9.20 -11.53
CA VAL A 350 13.76 10.11 -10.50
C VAL A 350 14.32 9.74 -9.14
N ALA A 351 14.37 8.44 -8.82
CA ALA A 351 14.89 8.01 -7.53
C ALA A 351 16.32 8.49 -7.33
N ASP A 352 17.20 8.22 -8.31
CA ASP A 352 18.56 8.74 -8.25
C ASP A 352 18.58 10.25 -8.06
N ALA A 353 17.58 10.95 -8.61
CA ALA A 353 17.61 12.41 -8.63
C ALA A 353 17.23 13.01 -7.29
N ILE A 354 16.40 12.34 -6.52
CA ILE A 354 15.97 12.93 -5.26
C ILE A 354 16.73 12.38 -4.07
N LYS A 355 17.44 11.26 -4.21
CA LYS A 355 18.06 10.68 -3.04
C LYS A 355 19.01 11.62 -2.30
N PRO A 356 19.88 12.41 -2.97
CA PRO A 356 20.74 13.32 -2.19
C PRO A 356 19.95 14.27 -1.31
N LYS A 357 18.77 14.70 -1.74
CA LYS A 357 18.00 15.68 -1.00
C LYS A 357 17.28 15.12 0.22
N LEU A 358 17.09 13.80 0.26
CA LEU A 358 16.31 13.21 1.33
C LEU A 358 17.08 13.27 2.65
N ASN A 359 16.39 13.58 3.74
CA ASN A 359 17.07 13.55 5.02
C ASN A 359 16.94 12.15 5.61
N GLU A 360 17.20 12.02 6.91
CA GLU A 360 17.45 10.71 7.52
C GLU A 360 16.27 9.78 7.34
N GLU A 361 15.08 10.23 7.74
CA GLU A 361 13.90 9.36 7.73
C GLU A 361 13.50 8.97 6.33
N GLU A 362 13.32 9.97 5.45
CA GLU A 362 13.01 9.69 4.04
C GLU A 362 14.06 8.76 3.42
N THR A 363 15.34 8.97 3.77
CA THR A 363 16.38 8.08 3.26
C THR A 363 16.16 6.66 3.73
N ASN A 364 15.79 6.50 5.01
CA ASN A 364 15.61 5.16 5.55
C ASN A 364 14.56 4.40 4.75
N ILE A 365 13.49 5.10 4.38
CA ILE A 365 12.41 4.51 3.60
C ILE A 365 12.93 4.07 2.24
N VAL A 366 13.57 4.98 1.51
CA VAL A 366 14.07 4.64 0.18
C VAL A 366 15.06 3.48 0.27
N GLU A 367 15.97 3.52 1.23
CA GLU A 367 16.94 2.41 1.38
C GLU A 367 16.27 1.11 1.80
N TYR A 368 15.17 1.20 2.55
CA TYR A 368 14.44 -0.02 2.89
C TYR A 368 13.77 -0.60 1.65
N VAL A 369 13.03 0.24 0.92
CA VAL A 369 12.32 -0.26 -0.26
C VAL A 369 13.29 -0.76 -1.31
N GLU A 370 14.39 -0.03 -1.52
CA GLU A 370 15.36 -0.44 -2.53
C GLU A 370 15.93 -1.81 -2.24
N THR A 371 16.19 -2.09 -0.96
CA THR A 371 16.72 -3.39 -0.57
C THR A 371 15.65 -4.47 -0.70
N ALA A 372 14.48 -4.25 -0.09
CA ALA A 372 13.41 -5.24 -0.16
C ALA A 372 13.08 -5.58 -1.60
N SER A 373 13.17 -4.60 -2.50
CA SER A 373 12.67 -4.76 -3.86
C SER A 373 13.44 -5.80 -4.66
N LYS A 374 14.62 -6.20 -4.19
CA LYS A 374 15.41 -7.22 -4.86
C LYS A 374 15.02 -8.63 -4.45
N ASN A 375 14.13 -8.79 -3.46
CA ASN A 375 13.60 -10.09 -3.06
C ASN A 375 12.08 -9.99 -2.90
N ILE A 376 11.37 -9.65 -3.97
CA ILE A 376 9.93 -9.44 -3.92
C ILE A 376 9.23 -10.49 -4.78
N SER A 377 7.91 -10.57 -4.60
CA SER A 377 7.01 -11.24 -5.54
C SER A 377 6.10 -10.21 -6.19
N LYS A 378 5.36 -10.67 -7.20
CA LYS A 378 4.51 -9.80 -7.99
C LYS A 378 3.37 -9.24 -7.16
N ALA A 379 3.15 -7.94 -7.30
CA ALA A 379 2.08 -7.25 -6.57
C ALA A 379 0.74 -7.94 -6.79
N ASP A 380 -0.16 -7.78 -5.82
CA ASP A 380 -1.53 -8.14 -6.07
C ASP A 380 -2.11 -7.22 -7.15
N PRO A 381 -3.08 -7.68 -7.90
CA PRO A 381 -3.86 -6.77 -8.72
C PRO A 381 -4.70 -5.89 -7.82
N PRO A 382 -5.27 -4.79 -8.34
CA PRO A 382 -6.22 -4.02 -7.53
C PRO A 382 -7.22 -4.95 -6.86
N GLU A 383 -7.63 -4.59 -5.65
CA GLU A 383 -8.57 -5.43 -4.92
C GLU A 383 -9.84 -5.61 -5.74
N PRO A 384 -10.39 -6.81 -5.81
CA PRO A 384 -11.51 -7.06 -6.72
C PRO A 384 -12.81 -6.42 -6.23
N VAL A 385 -13.77 -6.30 -7.16
CA VAL A 385 -15.08 -5.81 -6.76
C VAL A 385 -15.68 -6.75 -5.72
N GLY A 386 -16.29 -6.18 -4.69
CA GLY A 386 -16.75 -6.95 -3.56
C GLY A 386 -15.69 -7.19 -2.49
N SER A 387 -14.46 -6.72 -2.71
CA SER A 387 -13.45 -6.84 -1.67
C SER A 387 -13.88 -6.12 -0.39
N ALA A 388 -14.65 -5.03 -0.51
CA ALA A 388 -15.17 -4.39 0.69
C ALA A 388 -15.93 -5.38 1.56
N GLU A 389 -16.73 -6.26 0.94
CA GLU A 389 -17.47 -7.25 1.71
C GLU A 389 -16.54 -8.29 2.32
N VAL A 390 -15.59 -8.78 1.52
CA VAL A 390 -14.58 -9.70 2.04
C VAL A 390 -13.86 -9.08 3.22
N ILE A 391 -13.41 -7.83 3.09
CA ILE A 391 -12.68 -7.19 4.19
C ILE A 391 -13.53 -7.14 5.45
N LYS A 392 -14.80 -6.76 5.30
CA LYS A 392 -15.70 -6.71 6.47
C LYS A 392 -15.91 -8.10 7.04
N LEU A 393 -16.08 -9.09 6.18
CA LEU A 393 -16.22 -10.47 6.62
C LEU A 393 -14.98 -10.90 7.41
N LEU A 394 -13.80 -10.56 6.90
CA LEU A 394 -12.56 -10.95 7.58
C LEU A 394 -12.45 -10.29 8.95
N LYS A 395 -12.76 -8.99 9.04
CA LYS A 395 -12.70 -8.31 10.34
C LYS A 395 -13.69 -8.92 11.32
N ASP A 396 -14.93 -9.15 10.86
CA ASP A 396 -15.93 -9.74 11.75
C ASP A 396 -15.52 -11.15 12.18
N THR A 397 -14.93 -11.93 11.27
CA THR A 397 -14.46 -13.26 11.65
C THR A 397 -13.27 -13.18 12.61
N SER A 398 -12.42 -12.17 12.45
CA SER A 398 -11.25 -12.02 13.32
C SER A 398 -11.66 -11.91 14.78
N ASP A 399 -12.61 -11.03 15.08
CA ASP A 399 -12.94 -10.89 16.50
C ASP A 399 -13.88 -11.97 17.00
N GLN A 400 -14.62 -12.66 16.13
CA GLN A 400 -15.28 -13.88 16.59
C GLN A 400 -14.25 -14.88 17.09
N ILE A 401 -13.05 -14.88 16.50
CA ILE A 401 -11.98 -15.74 16.99
C ILE A 401 -11.33 -15.16 18.23
N LEU A 402 -10.96 -13.88 18.19
CA LEU A 402 -10.16 -13.30 19.26
C LEU A 402 -10.99 -13.12 20.53
N TYR A 403 -12.26 -12.73 20.41
CA TYR A 403 -13.05 -12.29 21.56
C TYR A 403 -14.28 -13.14 21.83
N GLN A 404 -14.80 -13.85 20.86
CA GLN A 404 -15.63 -14.98 21.22
C GLN A 404 -14.72 -16.20 21.23
N LYS A 405 -15.26 -17.33 21.65
CA LYS A 405 -14.46 -18.55 21.69
C LYS A 405 -14.62 -19.37 20.43
N VAL A 406 -14.88 -18.71 19.29
CA VAL A 406 -15.09 -19.43 18.03
C VAL A 406 -13.80 -20.13 17.65
N SER A 407 -13.86 -21.46 17.51
CA SER A 407 -12.67 -22.22 17.18
C SER A 407 -12.13 -21.77 15.82
N PRO A 408 -10.82 -21.51 15.72
CA PRO A 408 -10.26 -21.13 14.41
C PRO A 408 -10.58 -22.12 13.31
N GLU A 409 -10.63 -23.42 13.61
CA GLU A 409 -10.90 -24.39 12.56
C GLU A 409 -12.31 -24.21 12.00
N LYS A 410 -13.27 -23.89 12.86
CA LYS A 410 -14.64 -23.66 12.38
C LYS A 410 -14.72 -22.33 11.65
N ALA A 411 -14.12 -21.30 12.22
CA ALA A 411 -14.15 -19.98 11.61
C ALA A 411 -13.49 -19.98 10.24
N ALA A 412 -12.53 -20.87 10.06
CA ALA A 412 -11.75 -20.92 8.83
C ALA A 412 -12.60 -21.31 7.64
N LYS A 413 -13.15 -22.52 7.67
CA LYS A 413 -13.94 -22.99 6.54
C LYS A 413 -15.06 -22.01 6.27
N THR A 414 -15.68 -21.54 7.34
CA THR A 414 -16.80 -20.62 7.24
C THR A 414 -16.43 -19.31 6.52
N PHE A 415 -15.27 -18.77 6.85
CA PHE A 415 -14.78 -17.58 6.17
C PHE A 415 -14.58 -17.89 4.68
N ARG A 416 -13.72 -18.84 4.39
CA ARG A 416 -13.40 -19.19 3.01
C ARG A 416 -14.67 -19.39 2.20
N LYS A 417 -15.65 -20.04 2.80
CA LYS A 417 -16.94 -20.27 2.17
C LYS A 417 -17.54 -19.01 1.63
N LYS A 418 -17.82 -18.06 2.52
CA LYS A 418 -18.57 -16.89 2.16
C LYS A 418 -17.77 -15.90 1.31
N ALA A 419 -16.46 -15.81 1.55
CA ALA A 419 -15.60 -14.98 0.74
C ALA A 419 -15.66 -15.40 -0.73
N ASN A 420 -15.62 -16.70 -0.98
CA ASN A 420 -15.65 -17.18 -2.36
C ASN A 420 -16.98 -16.88 -3.02
N GLU A 421 -18.09 -16.96 -2.25
CA GLU A 421 -19.41 -16.61 -2.76
C GLU A 421 -19.55 -15.13 -3.06
N ILE A 422 -18.88 -14.28 -2.28
CA ILE A 422 -18.85 -12.85 -2.58
C ILE A 422 -18.16 -12.61 -3.92
N LEU A 423 -16.99 -13.22 -4.08
CA LEU A 423 -16.13 -12.90 -5.21
C LEU A 423 -16.60 -13.56 -6.50
N GLU A 424 -17.28 -14.68 -6.38
CA GLU A 424 -17.77 -15.46 -7.52
C GLU A 424 -18.50 -14.64 -8.56
N ARG A 425 -19.09 -13.53 -8.13
CA ARG A 425 -19.71 -12.55 -9.01
C ARG A 425 -18.70 -11.80 -9.89
N ASN A 426 -17.43 -12.21 -9.80
CA ASN A 426 -16.31 -11.59 -10.52
C ASN A 426 -16.02 -10.21 -9.96
#